data_2RBB
#
_entry.id   2RBB
#
_cell.length_a   83.230
_cell.length_b   83.230
_cell.length_c   99.590
_cell.angle_alpha   90.00
_cell.angle_beta   90.00
_cell.angle_gamma   90.00
#
_symmetry.space_group_name_H-M   'P 42 21 2'
#
loop_
_entity.id
_entity.type
_entity.pdbx_description
1 polymer 'Glyoxalase/bleomycin resistance protein/dioxygenase'
2 water water
#
_entity_poly.entity_id   1
_entity_poly.type   'polypeptide(L)'
_entity_poly.pdbx_seq_one_letter_code
;(MSE)SLKN(MSE)ADLSYVNIFTRDIVA(MSE)SAFYQQVFGFQEIESIRSPIFRGLDTGKSCIGFNAHEAYEL(MSE)
QLAQFSETSGIKFLLNFDVDTKEAVDKLVPVAIAAGATLIKAPYETYYHWYQAVLLDPERNVFRINNVLEGHHHHHH
;
_entity_poly.pdbx_strand_id   A,B
#
# COMPACT_ATOMS: atom_id res chain seq x y z
N ASN A 5 14.22 -12.73 -6.57
CA ASN A 5 13.56 -12.65 -5.24
C ASN A 5 12.47 -13.70 -5.11
N MSE A 6 12.28 -14.20 -3.89
CA MSE A 6 11.28 -15.22 -3.63
C MSE A 6 9.86 -14.68 -3.77
O MSE A 6 8.95 -15.41 -4.16
CB MSE A 6 11.50 -15.79 -2.22
CG MSE A 6 10.65 -17.01 -1.90
SE MSE A 6 10.60 -17.25 0.04
CE MSE A 6 8.67 -16.93 0.35
N ALA A 7 9.67 -13.40 -3.46
CA ALA A 7 8.37 -12.75 -3.57
C ALA A 7 8.57 -11.32 -4.02
N ASP A 8 7.66 -10.84 -4.86
CA ASP A 8 7.72 -9.50 -5.42
C ASP A 8 6.46 -8.72 -5.07
N LEU A 9 6.61 -7.54 -4.44
CA LEU A 9 5.45 -6.71 -4.12
C LEU A 9 5.16 -5.97 -5.41
N SER A 10 4.41 -6.64 -6.29
CA SER A 10 4.08 -6.11 -7.60
C SER A 10 3.04 -4.99 -7.60
N TYR A 11 2.10 -5.05 -6.67
CA TYR A 11 1.05 -4.05 -6.62
C TYR A 11 0.57 -3.71 -5.22
N VAL A 12 0.25 -2.43 -5.05
CA VAL A 12 -0.36 -1.97 -3.81
C VAL A 12 -1.72 -1.57 -4.38
N ASN A 13 -2.77 -2.29 -4.00
CA ASN A 13 -4.10 -1.97 -4.53
C ASN A 13 -4.97 -1.22 -3.53
N ILE A 14 -5.68 -0.23 -4.04
CA ILE A 14 -6.58 0.58 -3.21
C ILE A 14 -8.01 0.28 -3.68
N PHE A 15 -8.89 -0.04 -2.74
CA PHE A 15 -10.29 -0.28 -3.06
C PHE A 15 -10.86 1.12 -3.22
N THR A 16 -11.47 1.38 -4.37
CA THR A 16 -12.00 2.70 -4.65
C THR A 16 -13.41 2.68 -5.21
N ARG A 17 -14.11 3.81 -5.05
CA ARG A 17 -15.46 3.96 -5.54
C ARG A 17 -15.42 4.30 -7.04
N ASP A 18 -14.44 5.10 -7.43
CA ASP A 18 -14.31 5.51 -8.83
C ASP A 18 -12.88 5.29 -9.30
N ILE A 19 -12.61 4.14 -9.92
CA ILE A 19 -11.25 3.82 -10.37
C ILE A 19 -10.75 4.75 -11.48
N VAL A 20 -11.67 5.30 -12.26
CA VAL A 20 -11.27 6.19 -13.35
C VAL A 20 -10.80 7.52 -12.79
N ALA A 21 -11.58 8.08 -11.85
CA ALA A 21 -11.23 9.36 -11.23
C ALA A 21 -9.98 9.23 -10.35
N MSE A 22 -9.85 8.10 -9.66
CA MSE A 22 -8.71 7.88 -8.79
C MSE A 22 -7.44 7.72 -9.61
O MSE A 22 -6.40 8.28 -9.28
CB MSE A 22 -8.95 6.64 -7.91
CG MSE A 22 -8.23 6.68 -6.55
SE MSE A 22 -8.68 8.12 -5.30
CE MSE A 22 -10.30 8.69 -6.14
N SER A 23 -7.52 6.95 -10.69
CA SER A 23 -6.37 6.76 -11.55
C SER A 23 -5.96 8.11 -12.14
N ALA A 24 -6.95 8.87 -12.59
CA ALA A 24 -6.69 10.19 -13.17
C ALA A 24 -6.02 11.13 -12.19
N PHE A 25 -6.39 11.02 -10.92
CA PHE A 25 -5.80 11.88 -9.89
C PHE A 25 -4.30 11.63 -9.75
N TYR A 26 -3.91 10.38 -9.56
CA TYR A 26 -2.51 10.05 -9.40
C TYR A 26 -1.70 10.32 -10.67
N GLN A 27 -2.33 10.16 -11.83
CA GLN A 27 -1.66 10.43 -13.11
C GLN A 27 -1.40 11.94 -13.20
N GLN A 28 -2.43 12.71 -12.92
CA GLN A 28 -2.36 14.17 -12.96
C GLN A 28 -1.28 14.72 -12.04
N VAL A 29 -1.20 14.19 -10.82
CA VAL A 29 -0.23 14.67 -9.85
C VAL A 29 1.20 14.19 -10.05
N PHE A 30 1.36 12.89 -10.33
CA PHE A 30 2.69 12.31 -10.48
C PHE A 30 3.10 11.91 -11.90
N GLY A 31 2.15 11.92 -12.83
CA GLY A 31 2.47 11.58 -14.20
C GLY A 31 2.69 10.11 -14.52
N PHE A 32 2.33 9.22 -13.60
CA PHE A 32 2.49 7.78 -13.82
C PHE A 32 1.70 7.35 -15.05
N GLN A 33 2.25 6.43 -15.83
CA GLN A 33 1.57 5.94 -17.03
C GLN A 33 0.69 4.75 -16.67
N GLU A 34 -0.49 4.66 -17.28
CA GLU A 34 -1.36 3.54 -17.00
C GLU A 34 -0.80 2.29 -17.68
N ILE A 35 -1.10 1.13 -17.12
CA ILE A 35 -0.65 -0.14 -17.67
C ILE A 35 -1.89 -0.74 -18.35
N GLU A 36 -2.06 -0.42 -19.62
CA GLU A 36 -3.22 -0.88 -20.38
C GLU A 36 -3.46 -2.39 -20.42
N SER A 37 -2.39 -3.17 -20.38
CA SER A 37 -2.51 -4.61 -20.43
C SER A 37 -3.23 -5.25 -19.23
N ILE A 38 -3.23 -4.56 -18.09
CA ILE A 38 -3.86 -5.09 -16.88
C ILE A 38 -5.21 -4.45 -16.59
N ARG A 39 -5.66 -3.59 -17.49
CA ARG A 39 -6.94 -2.91 -17.33
C ARG A 39 -8.12 -3.88 -17.43
N SER A 40 -9.14 -3.64 -16.61
CA SER A 40 -10.34 -4.49 -16.63
C SER A 40 -11.52 -3.61 -16.22
N PRO A 41 -12.75 -4.13 -16.34
CA PRO A 41 -13.90 -3.32 -15.95
C PRO A 41 -13.80 -2.76 -14.53
N ILE A 42 -13.14 -3.50 -13.64
CA ILE A 42 -13.04 -3.07 -12.25
C ILE A 42 -11.63 -2.76 -11.76
N PHE A 43 -10.69 -2.55 -12.69
CA PHE A 43 -9.30 -2.29 -12.29
C PHE A 43 -8.53 -1.34 -13.19
N ARG A 44 -7.68 -0.53 -12.57
CA ARG A 44 -6.81 0.40 -13.27
C ARG A 44 -5.47 0.33 -12.55
N GLY A 45 -4.39 0.22 -13.33
CA GLY A 45 -3.06 0.15 -12.74
C GLY A 45 -2.12 1.20 -13.30
N LEU A 46 -1.31 1.78 -12.43
CA LEU A 46 -0.34 2.80 -12.83
C LEU A 46 1.07 2.30 -12.56
N ASP A 47 1.99 2.62 -13.47
CA ASP A 47 3.40 2.22 -13.33
C ASP A 47 4.16 3.31 -12.59
N THR A 48 4.73 2.95 -11.44
CA THR A 48 5.48 3.92 -10.64
C THR A 48 6.99 3.74 -10.77
N GLY A 49 7.42 2.64 -11.39
CA GLY A 49 8.84 2.39 -11.52
C GLY A 49 9.26 1.39 -10.46
N LYS A 50 8.40 1.20 -9.48
CA LYS A 50 8.64 0.24 -8.40
C LYS A 50 7.34 -0.56 -8.28
N SER A 51 6.74 -0.60 -7.09
CA SER A 51 5.48 -1.32 -6.96
C SER A 51 4.39 -0.51 -7.65
N CYS A 52 3.60 -1.16 -8.48
CA CYS A 52 2.53 -0.46 -9.19
C CYS A 52 1.37 -0.14 -8.25
N ILE A 53 0.61 0.88 -8.59
CA ILE A 53 -0.54 1.27 -7.79
C ILE A 53 -1.77 0.80 -8.56
N GLY A 54 -2.63 0.06 -7.87
CA GLY A 54 -3.82 -0.43 -8.52
C GLY A 54 -5.05 0.17 -7.85
N PHE A 55 -6.11 0.32 -8.63
CA PHE A 55 -7.36 0.87 -8.12
C PHE A 55 -8.44 -0.16 -8.48
N ASN A 56 -9.06 -0.73 -7.44
CA ASN A 56 -10.10 -1.75 -7.64
C ASN A 56 -11.49 -1.25 -7.28
N ALA A 57 -12.45 -1.46 -8.16
CA ALA A 57 -13.84 -1.06 -7.92
C ALA A 57 -14.39 -1.93 -6.79
N HIS A 58 -15.53 -1.53 -6.22
CA HIS A 58 -16.13 -2.26 -5.10
C HIS A 58 -16.49 -3.72 -5.36
N GLU A 59 -16.61 -4.10 -6.63
CA GLU A 59 -16.92 -5.48 -6.94
C GLU A 59 -15.81 -6.37 -6.37
N ALA A 60 -14.63 -5.79 -6.24
CA ALA A 60 -13.46 -6.51 -5.75
C ALA A 60 -13.63 -7.07 -4.33
N TYR A 61 -14.46 -6.44 -3.51
CA TYR A 61 -14.65 -6.93 -2.14
C TYR A 61 -15.28 -8.33 -2.16
N GLU A 62 -16.44 -8.45 -2.79
CA GLU A 62 -17.11 -9.77 -2.84
C GLU A 62 -16.27 -10.79 -3.61
N LEU A 63 -15.61 -10.35 -4.67
CA LEU A 63 -14.78 -11.26 -5.47
C LEU A 63 -13.71 -11.96 -4.63
N MSE A 64 -13.17 -11.25 -3.66
CA MSE A 64 -12.13 -11.83 -2.82
C MSE A 64 -12.63 -12.27 -1.45
O MSE A 64 -11.83 -12.53 -0.55
CB MSE A 64 -10.99 -10.85 -2.66
CG MSE A 64 -10.14 -10.67 -3.90
SE MSE A 64 -8.73 -9.49 -3.51
CE MSE A 64 -9.52 -7.85 -4.15
N GLN A 65 -13.95 -12.36 -1.30
CA GLN A 65 -14.55 -12.77 -0.04
C GLN A 65 -14.21 -11.79 1.09
N LEU A 66 -14.22 -10.50 0.78
CA LEU A 66 -13.90 -9.48 1.78
C LEU A 66 -15.07 -8.55 2.06
N ALA A 67 -16.26 -8.91 1.60
CA ALA A 67 -17.43 -8.07 1.79
C ALA A 67 -17.65 -7.67 3.25
N GLN A 68 -17.27 -8.53 4.18
CA GLN A 68 -17.46 -8.20 5.59
C GLN A 68 -16.67 -6.96 6.01
N PHE A 69 -15.68 -6.58 5.21
CA PHE A 69 -14.85 -5.41 5.52
C PHE A 69 -15.07 -4.25 4.57
N SER A 70 -16.21 -4.25 3.87
CA SER A 70 -16.49 -3.20 2.89
C SER A 70 -16.90 -1.84 3.48
N GLU A 71 -17.24 -1.80 4.77
CA GLU A 71 -17.62 -0.53 5.40
C GLU A 71 -16.35 0.06 6.01
N THR A 72 -15.79 1.06 5.34
CA THR A 72 -14.54 1.67 5.78
C THR A 72 -14.63 3.08 6.36
N SER A 73 -13.69 3.39 7.23
CA SER A 73 -13.59 4.70 7.87
C SER A 73 -12.18 4.86 8.43
N GLY A 74 -11.72 6.09 8.55
CA GLY A 74 -10.38 6.35 9.07
C GLY A 74 -9.33 5.89 8.08
N ILE A 75 -8.06 5.94 8.46
CA ILE A 75 -6.99 5.52 7.57
C ILE A 75 -6.05 4.57 8.29
N LYS A 76 -5.55 3.59 7.55
CA LYS A 76 -4.67 2.58 8.13
C LYS A 76 -3.40 2.38 7.32
N PHE A 77 -3.23 3.16 6.28
CA PHE A 77 -2.04 3.06 5.43
C PHE A 77 -1.81 4.40 4.74
N LEU A 78 -0.63 4.53 4.12
CA LEU A 78 -0.31 5.74 3.38
C LEU A 78 0.71 5.39 2.31
N LEU A 79 0.69 6.17 1.23
CA LEU A 79 1.63 5.97 0.14
C LEU A 79 2.63 7.10 0.26
N ASN A 80 3.92 6.76 0.23
CA ASN A 80 4.94 7.78 0.33
C ASN A 80 5.65 7.95 -1.00
N PHE A 81 5.52 9.15 -1.57
CA PHE A 81 6.11 9.47 -2.85
C PHE A 81 7.31 10.40 -2.69
N ASP A 82 8.46 9.96 -3.19
CA ASP A 82 9.69 10.75 -3.11
C ASP A 82 9.96 11.58 -4.36
N VAL A 83 10.39 12.82 -4.15
CA VAL A 83 10.75 13.71 -5.25
C VAL A 83 12.20 14.15 -5.01
N ASP A 84 12.88 14.56 -6.07
CA ASP A 84 14.29 14.95 -6.00
C ASP A 84 14.71 16.15 -5.16
N THR A 85 13.83 17.12 -4.96
CA THR A 85 14.19 18.30 -4.17
C THR A 85 13.10 18.79 -3.21
N LYS A 86 13.49 19.66 -2.29
CA LYS A 86 12.56 20.23 -1.33
C LYS A 86 11.62 21.13 -2.12
N GLU A 87 12.18 21.82 -3.11
CA GLU A 87 11.41 22.72 -3.96
C GLU A 87 10.35 21.95 -4.72
N ALA A 88 10.67 20.71 -5.10
CA ALA A 88 9.72 19.89 -5.84
C ALA A 88 8.51 19.56 -4.94
N VAL A 89 8.75 19.40 -3.65
CA VAL A 89 7.67 19.12 -2.72
C VAL A 89 6.76 20.35 -2.62
N ASP A 90 7.37 21.53 -2.46
CA ASP A 90 6.59 22.76 -2.36
C ASP A 90 5.73 22.98 -3.60
N LYS A 91 6.28 22.66 -4.76
CA LYS A 91 5.57 22.86 -6.03
C LYS A 91 4.45 21.87 -6.29
N LEU A 92 4.65 20.63 -5.86
CA LEU A 92 3.64 19.60 -6.12
C LEU A 92 2.43 19.67 -5.21
N VAL A 93 2.56 20.30 -4.05
CA VAL A 93 1.45 20.39 -3.11
C VAL A 93 0.22 21.07 -3.73
N PRO A 94 0.38 22.31 -4.24
CA PRO A 94 -0.81 22.95 -4.83
C PRO A 94 -1.37 22.16 -6.03
N VAL A 95 -0.48 21.55 -6.81
CA VAL A 95 -0.92 20.74 -7.95
C VAL A 95 -1.87 19.65 -7.46
N ALA A 96 -1.48 18.98 -6.38
CA ALA A 96 -2.29 17.90 -5.81
C ALA A 96 -3.63 18.42 -5.29
N ILE A 97 -3.62 19.51 -4.54
CA ILE A 97 -4.85 20.08 -4.01
C ILE A 97 -5.81 20.48 -5.14
N ALA A 98 -5.27 21.11 -6.18
CA ALA A 98 -6.10 21.52 -7.30
C ALA A 98 -6.75 20.31 -7.97
N ALA A 99 -6.05 19.18 -7.92
CA ALA A 99 -6.54 17.93 -8.52
C ALA A 99 -7.58 17.23 -7.66
N GLY A 100 -7.82 17.77 -6.47
CA GLY A 100 -8.81 17.20 -5.58
C GLY A 100 -8.30 16.73 -4.23
N ALA A 101 -7.01 16.89 -3.98
CA ALA A 101 -6.42 16.47 -2.71
C ALA A 101 -6.73 17.44 -1.58
N THR A 102 -6.57 16.97 -0.35
CA THR A 102 -6.81 17.79 0.83
C THR A 102 -5.51 17.86 1.60
N LEU A 103 -5.04 19.07 1.92
CA LEU A 103 -3.80 19.23 2.66
C LEU A 103 -4.04 19.00 4.15
N ILE A 104 -3.26 18.09 4.73
CA ILE A 104 -3.36 17.77 6.14
C ILE A 104 -2.24 18.47 6.90
N LYS A 105 -1.03 18.41 6.33
CA LYS A 105 0.12 19.03 6.97
C LYS A 105 1.05 19.63 5.91
N ALA A 106 1.25 20.94 6.00
CA ALA A 106 2.12 21.65 5.06
C ALA A 106 3.55 21.11 5.15
N PRO A 107 4.33 21.27 4.08
CA PRO A 107 5.72 20.79 4.06
C PRO A 107 6.49 21.14 5.34
N TYR A 108 7.15 20.14 5.91
CA TYR A 108 7.93 20.32 7.13
C TYR A 108 8.99 19.24 7.19
N GLU A 109 9.98 19.43 8.06
CA GLU A 109 11.06 18.45 8.21
C GLU A 109 10.73 17.53 9.38
N THR A 110 10.81 16.22 9.15
CA THR A 110 10.49 15.24 10.19
C THR A 110 11.68 14.97 11.11
N TYR A 111 11.43 14.19 12.17
CA TYR A 111 12.49 13.87 13.12
C TYR A 111 13.55 12.99 12.45
N TYR A 112 13.17 12.29 11.40
CA TYR A 112 14.10 11.42 10.68
C TYR A 112 14.66 12.13 9.44
N HIS A 113 14.61 13.46 9.49
CA HIS A 113 15.13 14.34 8.46
C HIS A 113 14.65 14.18 7.02
N TRP A 114 13.33 14.12 6.86
CA TRP A 114 12.70 14.02 5.55
C TRP A 114 11.84 15.28 5.44
N TYR A 115 11.77 15.87 4.24
CA TYR A 115 10.96 17.06 4.04
C TYR A 115 9.70 16.59 3.32
N GLN A 116 8.56 16.68 3.99
CA GLN A 116 7.32 16.18 3.41
C GLN A 116 6.05 16.94 3.73
N ALA A 117 5.03 16.67 2.93
CA ALA A 117 3.70 17.23 3.11
C ALA A 117 2.80 16.00 3.25
N VAL A 118 1.75 16.13 4.05
CA VAL A 118 0.80 15.04 4.26
C VAL A 118 -0.53 15.48 3.68
N LEU A 119 -1.09 14.68 2.78
CA LEU A 119 -2.36 14.99 2.14
C LEU A 119 -3.28 13.79 2.04
N LEU A 120 -4.53 14.05 1.64
CA LEU A 120 -5.52 12.99 1.43
C LEU A 120 -5.87 13.07 -0.05
N ASP A 121 -6.03 11.91 -0.70
CA ASP A 121 -6.39 11.94 -2.11
C ASP A 121 -7.90 12.18 -2.19
N PRO A 122 -8.48 12.26 -3.40
CA PRO A 122 -9.92 12.50 -3.53
C PRO A 122 -10.84 11.57 -2.75
N GLU A 123 -10.37 10.35 -2.46
CA GLU A 123 -11.18 9.40 -1.72
C GLU A 123 -10.68 9.18 -0.29
N ARG A 124 -10.05 10.23 0.24
CA ARG A 124 -9.55 10.28 1.61
C ARG A 124 -8.51 9.26 2.05
N ASN A 125 -7.65 8.84 1.13
CA ASN A 125 -6.57 7.92 1.47
C ASN A 125 -5.36 8.84 1.66
N VAL A 126 -4.51 8.51 2.62
CA VAL A 126 -3.33 9.32 2.89
C VAL A 126 -2.14 9.03 1.99
N PHE A 127 -1.47 10.09 1.57
CA PHE A 127 -0.25 9.95 0.76
C PHE A 127 0.64 11.12 1.12
N ARG A 128 1.94 10.94 0.98
CA ARG A 128 2.87 12.01 1.30
C ARG A 128 3.72 12.36 0.09
N ILE A 129 4.09 13.63 -0.03
CA ILE A 129 4.96 14.08 -1.10
C ILE A 129 6.19 14.35 -0.25
N ASN A 130 7.25 13.61 -0.55
CA ASN A 130 8.46 13.66 0.27
C ASN A 130 9.79 13.79 -0.45
N ASN A 131 10.78 14.29 0.29
CA ASN A 131 12.13 14.44 -0.22
C ASN A 131 13.08 14.06 0.92
N VAL A 132 14.01 13.15 0.63
CA VAL A 132 14.99 12.74 1.63
C VAL A 132 16.13 13.76 1.59
N LEU A 133 16.29 14.49 2.68
CA LEU A 133 17.33 15.52 2.77
C LEU A 133 18.74 14.94 2.66
N ALA B 7 8.11 11.07 -9.85
CA ALA B 7 8.03 10.71 -8.41
C ALA B 7 8.27 9.21 -8.23
N ASP B 8 8.70 8.84 -7.05
CA ASP B 8 9.01 7.44 -6.73
C ASP B 8 8.17 6.94 -5.55
N LEU B 9 7.42 5.86 -5.74
CA LEU B 9 6.66 5.28 -4.65
C LEU B 9 7.68 4.47 -3.87
N SER B 10 8.37 5.14 -2.95
CA SER B 10 9.43 4.51 -2.16
C SER B 10 8.93 3.59 -1.06
N TYR B 11 7.79 3.94 -0.47
CA TYR B 11 7.21 3.15 0.61
C TYR B 11 5.70 3.11 0.60
N VAL B 12 5.17 2.05 1.20
CA VAL B 12 3.75 1.89 1.43
C VAL B 12 3.82 1.59 2.93
N ASN B 13 3.26 2.47 3.75
CA ASN B 13 3.27 2.29 5.20
C ASN B 13 1.94 1.81 5.73
N ILE B 14 2.01 0.94 6.72
CA ILE B 14 0.82 0.40 7.36
C ILE B 14 0.89 0.87 8.82
N PHE B 15 -0.18 1.48 9.31
CA PHE B 15 -0.22 1.92 10.71
C PHE B 15 -0.50 0.63 11.49
N THR B 16 0.34 0.33 12.47
CA THR B 16 0.20 -0.91 13.22
C THR B 16 0.25 -0.79 14.74
N ARG B 17 -0.32 -1.78 15.41
CA ARG B 17 -0.31 -1.80 16.87
C ARG B 17 1.02 -2.31 17.38
N ASP B 18 1.60 -3.28 16.68
CA ASP B 18 2.87 -3.86 17.08
C ASP B 18 3.81 -3.92 15.87
N ILE B 19 4.65 -2.91 15.71
CA ILE B 19 5.55 -2.86 14.57
C ILE B 19 6.55 -4.02 14.54
N VAL B 20 6.90 -4.54 15.71
CA VAL B 20 7.85 -5.64 15.78
C VAL B 20 7.22 -6.93 15.27
N ALA B 21 6.03 -7.25 15.79
CA ALA B 21 5.31 -8.46 15.40
C ALA B 21 4.95 -8.42 13.92
N MSE B 22 4.53 -7.25 13.46
CA MSE B 22 4.13 -7.11 12.05
C MSE B 22 5.30 -7.23 11.10
O MSE B 22 5.22 -7.93 10.08
CB MSE B 22 3.41 -5.78 11.84
CG MSE B 22 2.44 -5.83 10.67
SE MSE B 22 0.79 -6.83 10.88
CE MSE B 22 1.23 -7.90 12.42
N SER B 23 6.38 -6.53 11.38
CA SER B 23 7.55 -6.61 10.52
C SER B 23 8.04 -8.06 10.46
N ALA B 24 8.05 -8.72 11.61
CA ALA B 24 8.51 -10.11 11.70
C ALA B 24 7.62 -11.04 10.88
N PHE B 25 6.32 -10.77 10.85
CA PHE B 25 5.40 -11.58 10.08
C PHE B 25 5.76 -11.54 8.60
N TYR B 26 5.89 -10.33 8.04
CA TYR B 26 6.21 -10.23 6.63
C TYR B 26 7.57 -10.80 6.29
N GLN B 27 8.51 -10.74 7.23
CA GLN B 27 9.84 -11.32 6.99
C GLN B 27 9.75 -12.85 6.97
N GLN B 28 8.99 -13.40 7.90
CA GLN B 28 8.85 -14.86 8.02
C GLN B 28 8.12 -15.51 6.85
N VAL B 29 7.24 -14.77 6.19
CA VAL B 29 6.50 -15.29 5.06
C VAL B 29 7.19 -15.06 3.72
N PHE B 30 7.68 -13.84 3.49
CA PHE B 30 8.30 -13.50 2.22
C PHE B 30 9.82 -13.33 2.19
N GLY B 31 10.45 -13.28 3.35
CA GLY B 31 11.89 -13.16 3.40
C GLY B 31 12.45 -11.76 3.21
N PHE B 32 11.61 -10.73 3.31
CA PHE B 32 12.09 -9.37 3.14
C PHE B 32 13.08 -9.04 4.26
N GLN B 33 14.16 -8.35 3.91
CA GLN B 33 15.18 -7.99 4.89
C GLN B 33 14.90 -6.59 5.44
N GLU B 34 15.14 -6.41 6.74
CA GLU B 34 14.88 -5.12 7.37
C GLU B 34 15.87 -4.04 6.96
N ILE B 35 15.39 -2.80 6.96
CA ILE B 35 16.18 -1.64 6.62
C ILE B 35 16.59 -0.99 7.94
N GLU B 36 17.78 -1.32 8.42
CA GLU B 36 18.26 -0.78 9.68
C GLU B 36 18.35 0.74 9.73
N SER B 37 18.79 1.35 8.64
CA SER B 37 18.95 2.80 8.56
C SER B 37 17.69 3.64 8.76
N ILE B 38 16.52 3.00 8.74
CA ILE B 38 15.26 3.74 8.90
C ILE B 38 14.52 3.33 10.17
N ARG B 39 15.12 2.40 10.90
CA ARG B 39 14.54 1.89 12.14
C ARG B 39 14.43 2.95 13.25
N SER B 40 13.34 2.90 14.00
CA SER B 40 13.12 3.83 15.11
C SER B 40 12.16 3.16 16.10
N PRO B 41 12.02 3.73 17.30
CA PRO B 41 11.12 3.15 18.30
C PRO B 41 9.67 3.04 17.83
N ILE B 42 9.32 3.75 16.76
CA ILE B 42 7.96 3.72 16.24
C ILE B 42 7.89 3.36 14.76
N PHE B 43 8.96 2.83 14.20
CA PHE B 43 8.97 2.47 12.80
C PHE B 43 9.91 1.32 12.44
N ARG B 44 9.48 0.51 11.47
CA ARG B 44 10.26 -0.61 10.96
C ARG B 44 10.06 -0.61 9.45
N GLY B 45 11.13 -0.83 8.70
CA GLY B 45 11.02 -0.85 7.25
C GLY B 45 11.58 -2.12 6.64
N LEU B 46 10.90 -2.63 5.61
CA LEU B 46 11.34 -3.85 4.93
C LEU B 46 11.61 -3.62 3.45
N ASP B 47 12.74 -4.16 2.99
CA ASP B 47 13.16 -4.04 1.61
C ASP B 47 12.52 -5.19 0.81
N THR B 48 11.78 -4.85 -0.23
CA THR B 48 11.10 -5.85 -1.05
C THR B 48 11.68 -5.96 -2.46
N GLY B 49 12.55 -5.03 -2.81
CA GLY B 49 13.12 -5.05 -4.14
C GLY B 49 12.45 -3.98 -4.98
N LYS B 50 11.24 -3.60 -4.55
CA LYS B 50 10.48 -2.54 -5.23
C LYS B 50 10.12 -1.52 -4.16
N SER B 51 8.84 -1.21 -4.00
CA SER B 51 8.45 -0.25 -2.97
C SER B 51 8.64 -0.93 -1.61
N CYS B 52 9.20 -0.21 -0.65
CA CYS B 52 9.42 -0.77 0.68
C CYS B 52 8.13 -0.81 1.47
N ILE B 53 8.09 -1.69 2.48
CA ILE B 53 6.91 -1.78 3.33
C ILE B 53 7.30 -1.17 4.67
N GLY B 54 6.51 -0.21 5.12
CA GLY B 54 6.80 0.43 6.38
C GLY B 54 5.72 0.10 7.39
N PHE B 55 6.10 0.08 8.67
CA PHE B 55 5.20 -0.22 9.76
C PHE B 55 5.33 0.93 10.77
N ASN B 56 4.27 1.71 10.94
CA ASN B 56 4.30 2.85 11.85
C ASN B 56 3.44 2.64 13.09
N ALA B 57 4.03 2.89 14.25
CA ALA B 57 3.30 2.76 15.52
C ALA B 57 2.29 3.89 15.54
N HIS B 58 1.27 3.77 16.40
CA HIS B 58 0.22 4.78 16.47
C HIS B 58 0.61 6.22 16.78
N GLU B 59 1.80 6.41 17.35
CA GLU B 59 2.25 7.76 17.64
C GLU B 59 2.40 8.54 16.33
N ALA B 60 2.53 7.83 15.22
CA ALA B 60 2.68 8.45 13.91
C ALA B 60 1.46 9.28 13.51
N TYR B 61 0.28 8.89 13.98
CA TYR B 61 -0.94 9.60 13.68
C TYR B 61 -0.84 11.06 14.12
N GLU B 62 -0.50 11.27 15.38
CA GLU B 62 -0.38 12.63 15.90
C GLU B 62 0.73 13.41 15.22
N LEU B 63 1.85 12.75 14.95
CA LEU B 63 2.98 13.42 14.30
C LEU B 63 2.62 14.00 12.94
N MSE B 64 1.71 13.36 12.22
CA MSE B 64 1.31 13.84 10.91
C MSE B 64 -0.03 14.56 10.93
O MSE B 64 -0.61 14.87 9.89
CB MSE B 64 1.24 12.68 9.90
CG MSE B 64 2.59 12.13 9.48
SE MSE B 64 2.42 10.65 8.28
CE MSE B 64 2.40 9.26 9.60
N GLN B 65 -0.53 14.82 12.13
CA GLN B 65 -1.81 15.50 12.33
C GLN B 65 -2.95 14.71 11.70
N LEU B 66 -2.93 13.39 11.91
CA LEU B 66 -3.95 12.49 11.37
C LEU B 66 -4.77 11.82 12.49
N ALA B 67 -4.61 12.31 13.72
CA ALA B 67 -5.30 11.74 14.87
C ALA B 67 -6.80 11.52 14.68
N GLN B 68 -7.48 12.45 14.02
CA GLN B 68 -8.91 12.30 13.81
C GLN B 68 -9.26 11.11 12.91
N PHE B 69 -8.24 10.47 12.34
CA PHE B 69 -8.45 9.31 11.47
C PHE B 69 -7.92 8.01 12.07
N SER B 70 -7.52 8.04 13.34
CA SER B 70 -6.97 6.87 14.00
C SER B 70 -7.95 5.72 14.22
N GLU B 71 -9.23 6.03 14.37
CA GLU B 71 -10.23 4.98 14.55
C GLU B 71 -10.66 4.53 13.16
N THR B 72 -10.35 3.28 12.83
CA THR B 72 -10.67 2.77 11.50
C THR B 72 -11.65 1.60 11.50
N SER B 73 -12.15 1.28 10.31
CA SER B 73 -13.07 0.17 10.13
C SER B 73 -12.87 -0.38 8.72
N GLY B 74 -13.12 -1.68 8.54
CA GLY B 74 -12.98 -2.31 7.24
C GLY B 74 -11.57 -2.25 6.70
N ILE B 75 -11.42 -2.53 5.41
CA ILE B 75 -10.10 -2.51 4.77
C ILE B 75 -10.21 -1.75 3.45
N LYS B 76 -9.20 -0.95 3.13
CA LYS B 76 -9.21 -0.17 1.89
C LYS B 76 -8.03 -0.42 0.97
N PHE B 77 -7.15 -1.35 1.35
CA PHE B 77 -6.00 -1.64 0.51
C PHE B 77 -5.59 -3.10 0.67
N LEU B 78 -4.71 -3.55 -0.21
CA LEU B 78 -4.18 -4.90 -0.11
C LEU B 78 -2.83 -4.91 -0.79
N LEU B 79 -1.93 -5.76 -0.31
CA LEU B 79 -0.60 -5.88 -0.89
C LEU B 79 -0.61 -7.14 -1.75
N ASN B 80 -0.21 -7.03 -3.00
CA ASN B 80 -0.19 -8.19 -3.89
C ASN B 80 1.24 -8.67 -4.10
N PHE B 81 1.52 -9.88 -3.63
CA PHE B 81 2.85 -10.46 -3.76
C PHE B 81 2.85 -11.56 -4.81
N ASP B 82 3.66 -11.38 -5.85
CA ASP B 82 3.76 -12.38 -6.92
C ASP B 82 4.89 -13.36 -6.63
N VAL B 83 4.65 -14.63 -6.93
CA VAL B 83 5.66 -15.66 -6.73
C VAL B 83 5.97 -16.28 -8.10
N ASP B 84 7.09 -16.98 -8.18
CA ASP B 84 7.56 -17.56 -9.44
C ASP B 84 6.72 -18.66 -10.09
N THR B 85 6.11 -19.52 -9.27
CA THR B 85 5.31 -20.62 -9.82
C THR B 85 3.95 -20.81 -9.18
N LYS B 86 3.12 -21.60 -9.85
CA LYS B 86 1.77 -21.91 -9.38
C LYS B 86 1.89 -22.64 -8.04
N GLU B 87 2.81 -23.61 -7.99
CA GLU B 87 3.04 -24.40 -6.78
C GLU B 87 3.51 -23.54 -5.60
N ALA B 88 4.24 -22.46 -5.91
CA ALA B 88 4.74 -21.56 -4.88
C ALA B 88 3.56 -20.98 -4.09
N VAL B 89 2.47 -20.72 -4.80
CA VAL B 89 1.27 -20.19 -4.16
C VAL B 89 0.74 -21.23 -3.17
N ASP B 90 0.61 -22.47 -3.63
CA ASP B 90 0.11 -23.54 -2.77
C ASP B 90 0.99 -23.79 -1.56
N LYS B 91 2.30 -23.70 -1.74
CA LYS B 91 3.20 -23.96 -0.62
C LYS B 91 3.30 -22.80 0.37
N LEU B 92 3.19 -21.58 -0.14
CA LEU B 92 3.33 -20.42 0.74
C LEU B 92 2.10 -20.15 1.62
N VAL B 93 0.93 -20.63 1.23
CA VAL B 93 -0.25 -20.40 2.05
C VAL B 93 -0.07 -20.99 3.45
N PRO B 94 0.37 -22.27 3.56
CA PRO B 94 0.54 -22.82 4.91
C PRO B 94 1.69 -22.11 5.66
N VAL B 95 2.69 -21.62 4.93
CA VAL B 95 3.80 -20.90 5.57
C VAL B 95 3.23 -19.63 6.20
N ALA B 96 2.34 -18.95 5.48
CA ALA B 96 1.72 -17.73 6.01
C ALA B 96 0.84 -18.04 7.22
N ILE B 97 0.04 -19.09 7.11
CA ILE B 97 -0.83 -19.46 8.23
C ILE B 97 0.01 -19.80 9.46
N ALA B 98 1.13 -20.48 9.25
CA ALA B 98 2.00 -20.85 10.37
C ALA B 98 2.58 -19.59 11.03
N ALA B 99 2.76 -18.54 10.25
CA ALA B 99 3.32 -17.29 10.76
C ALA B 99 2.26 -16.41 11.42
N GLY B 100 1.00 -16.83 11.34
CA GLY B 100 -0.07 -16.07 11.97
C GLY B 100 -1.17 -15.52 11.06
N ALA B 101 -1.12 -15.83 9.78
CA ALA B 101 -2.13 -15.33 8.85
C ALA B 101 -3.44 -16.09 8.90
N THR B 102 -4.47 -15.51 8.27
CA THR B 102 -5.78 -16.16 8.16
C THR B 102 -6.07 -16.28 6.67
N LEU B 103 -6.40 -17.48 6.21
CA LEU B 103 -6.71 -17.66 4.80
C LEU B 103 -8.18 -17.29 4.60
N ILE B 104 -8.44 -16.37 3.68
CA ILE B 104 -9.82 -15.91 3.42
C ILE B 104 -10.37 -16.56 2.16
N LYS B 105 -9.55 -16.65 1.13
CA LYS B 105 -9.96 -17.28 -0.12
C LYS B 105 -8.84 -18.20 -0.56
N ALA B 106 -9.10 -19.51 -0.54
CA ALA B 106 -8.09 -20.50 -0.92
C ALA B 106 -7.62 -20.32 -2.36
N PRO B 107 -6.38 -20.75 -2.66
CA PRO B 107 -5.80 -20.64 -4.01
C PRO B 107 -6.80 -21.04 -5.09
N TYR B 108 -6.98 -20.16 -6.09
CA TYR B 108 -7.91 -20.44 -7.18
C TYR B 108 -7.48 -19.63 -8.40
N GLU B 109 -8.03 -19.96 -9.56
CA GLU B 109 -7.69 -19.27 -10.81
C GLU B 109 -8.79 -18.27 -11.19
N THR B 110 -8.40 -17.03 -11.45
CA THR B 110 -9.36 -15.98 -11.85
C THR B 110 -9.73 -16.21 -13.32
N TYR B 111 -10.74 -15.50 -13.81
CA TYR B 111 -11.15 -15.68 -15.21
C TYR B 111 -10.09 -15.24 -16.21
N TYR B 112 -9.13 -14.43 -15.76
CA TYR B 112 -8.06 -13.96 -16.63
C TYR B 112 -6.73 -14.71 -16.37
N HIS B 113 -6.86 -15.88 -15.75
CA HIS B 113 -5.74 -16.78 -15.48
C HIS B 113 -4.63 -16.39 -14.51
N TRP B 114 -5.02 -15.95 -13.33
CA TRP B 114 -4.07 -15.62 -12.27
C TRP B 114 -4.41 -16.60 -11.16
N TYR B 115 -3.41 -17.29 -10.61
CA TYR B 115 -3.64 -18.26 -9.55
C TYR B 115 -3.28 -17.55 -8.26
N GLN B 116 -4.26 -17.34 -7.39
CA GLN B 116 -4.00 -16.60 -6.17
C GLN B 116 -4.80 -17.01 -4.95
N ALA B 117 -4.33 -16.56 -3.78
CA ALA B 117 -5.00 -16.81 -2.50
C ALA B 117 -5.07 -15.46 -1.79
N VAL B 118 -6.15 -15.24 -1.05
CA VAL B 118 -6.34 -14.00 -0.30
C VAL B 118 -6.22 -14.33 1.19
N LEU B 119 -5.37 -13.58 1.89
CA LEU B 119 -5.15 -13.80 3.31
C LEU B 119 -5.14 -12.49 4.09
N LEU B 120 -5.21 -12.61 5.41
CA LEU B 120 -5.16 -11.47 6.32
C LEU B 120 -3.88 -11.62 7.15
N ASP B 121 -3.15 -10.53 7.37
CA ASP B 121 -1.97 -10.63 8.20
C ASP B 121 -2.45 -10.61 9.66
N PRO B 122 -1.54 -10.70 10.63
CA PRO B 122 -1.94 -10.71 12.04
C PRO B 122 -2.77 -9.53 12.53
N GLU B 123 -2.72 -8.41 11.83
CA GLU B 123 -3.50 -7.26 12.27
C GLU B 123 -4.67 -6.94 11.35
N ARG B 124 -5.12 -7.98 10.65
CA ARG B 124 -6.27 -7.91 9.74
C ARG B 124 -6.13 -7.04 8.50
N ASN B 125 -4.91 -6.94 7.98
CA ASN B 125 -4.68 -6.18 6.75
C ASN B 125 -4.64 -7.27 5.67
N VAL B 126 -5.19 -6.96 4.50
CA VAL B 126 -5.26 -7.95 3.42
C VAL B 126 -4.03 -8.01 2.50
N PHE B 127 -3.68 -9.22 2.10
CA PHE B 127 -2.58 -9.43 1.15
C PHE B 127 -2.89 -10.64 0.31
N ARG B 128 -2.25 -10.72 -0.86
CA ARG B 128 -2.46 -11.83 -1.77
C ARG B 128 -1.14 -12.47 -2.15
N ILE B 129 -1.18 -13.78 -2.38
CA ILE B 129 -0.02 -14.54 -2.84
C ILE B 129 -0.51 -14.91 -4.23
N ASN B 130 0.16 -14.41 -5.25
CA ASN B 130 -0.28 -14.61 -6.62
C ASN B 130 0.75 -15.08 -7.63
N ASN B 131 0.28 -15.78 -8.66
CA ASN B 131 1.15 -16.24 -9.74
C ASN B 131 0.44 -16.05 -11.06
N VAL B 132 1.11 -15.37 -11.99
CA VAL B 132 0.52 -15.15 -13.31
C VAL B 132 0.77 -16.42 -14.14
N LEU B 133 -0.31 -17.13 -14.44
CA LEU B 133 -0.21 -18.38 -15.21
C LEU B 133 0.19 -18.16 -16.67
#